data_3F6M
#
_entry.id   3F6M
#
_cell.length_a   146.640
_cell.length_b   146.640
_cell.length_c   146.640
_cell.angle_alpha   90.00
_cell.angle_beta   90.00
_cell.angle_gamma   90.00
#
_symmetry.space_group_name_H-M   'I 21 3'
#
loop_
_entity.id
_entity.type
_entity.pdbx_description
1 polymer '2-C-methyl-D-erythritol 2,4-cyclodiphosphate synthase'
2 water water
#
_entity_poly.entity_id   1
_entity_poly.type   'polypeptide(L)'
_entity_poly.pdbx_seq_one_letter_code
;SNA(MSE)RIGHGFDVHKFGENGSGPLIIGGVRIPYEKGLLAHSDGDVALHAATDALLGAAALGDIGKLFPDTDPAFKGA
DSRGLLREAYRRILAKGYKLGNLDITIIAQAPK(MSE)APHIPQ(MSE)RVNLAEDLQCH(MSE)DDINVKATTTEQLGF
TGRGEGIACEAVVLLVNVEQG
;
_entity_poly.pdbx_strand_id   A
#
# COMPACT_ATOMS: atom_id res chain seq x y z
N ASN A 2 10.50 -24.82 6.11
CA ASN A 2 9.57 -23.66 5.85
C ASN A 2 10.15 -22.22 6.14
N ALA A 3 11.39 -21.98 5.70
CA ALA A 3 12.19 -20.86 6.23
C ALA A 3 11.71 -19.48 5.84
N MSE A 4 11.31 -19.34 4.59
CA MSE A 4 10.95 -18.04 4.00
C MSE A 4 9.76 -18.09 3.05
O MSE A 4 9.56 -19.07 2.35
CB MSE A 4 12.13 -17.50 3.25
CG MSE A 4 13.39 -17.41 4.07
SE MSE A 4 14.48 -15.97 3.39
CE MSE A 4 13.63 -14.46 4.32
N ARG A 5 8.96 -17.04 3.03
CA ARG A 5 7.80 -17.04 2.15
C ARG A 5 7.68 -15.77 1.33
N ILE A 6 7.31 -15.93 0.06
CA ILE A 6 7.16 -14.82 -0.88
C ILE A 6 5.70 -14.30 -1.00
N GLY A 7 5.55 -13.02 -1.28
CA GLY A 7 4.21 -12.45 -1.48
C GLY A 7 4.18 -11.30 -2.47
N HIS A 8 3.05 -11.17 -3.18
CA HIS A 8 2.85 -10.14 -4.19
C HIS A 8 1.53 -9.42 -4.00
N GLY A 9 1.57 -8.10 -4.14
CA GLY A 9 0.38 -7.25 -4.08
C GLY A 9 0.23 -6.30 -5.27
N PHE A 10 -1.01 -5.85 -5.49
CA PHE A 10 -1.34 -4.99 -6.60
C PHE A 10 -2.63 -4.20 -6.35
N ASP A 11 -2.56 -2.88 -6.46
CA ASP A 11 -3.74 -2.06 -6.24
C ASP A 11 -3.79 -0.91 -7.21
N VAL A 12 -4.99 -0.50 -7.60
CA VAL A 12 -5.19 0.69 -8.39
C VAL A 12 -6.42 1.41 -7.91
N HIS A 13 -6.39 2.75 -7.96
CA HIS A 13 -7.57 3.58 -7.68
C HIS A 13 -7.71 4.65 -8.75
N LYS A 14 -8.95 4.88 -9.16
CA LYS A 14 -9.32 5.90 -10.13
C LYS A 14 -9.26 7.25 -9.42
N PHE A 15 -8.87 8.29 -10.13
CA PHE A 15 -8.91 9.65 -9.60
C PHE A 15 -10.36 10.14 -9.49
N GLY A 16 -10.62 10.93 -8.45
CA GLY A 16 -11.93 11.53 -8.27
C GLY A 16 -12.14 12.74 -9.17
N GLU A 17 -12.99 13.66 -8.73
CA GLU A 17 -13.19 14.92 -9.44
C GLU A 17 -12.00 15.85 -9.23
N ASN A 18 -12.15 17.10 -9.68
CA ASN A 18 -11.17 18.13 -9.41
C ASN A 18 -11.40 18.81 -8.06
N GLY A 19 -11.77 18.01 -7.06
CA GLY A 19 -12.06 18.53 -5.73
C GLY A 19 -10.79 18.66 -4.90
N SER A 20 -10.65 17.79 -3.91
CA SER A 20 -9.53 17.87 -2.97
C SER A 20 -8.87 16.51 -2.79
N GLY A 21 -9.40 15.72 -1.85
CA GLY A 21 -8.73 14.53 -1.40
C GLY A 21 -7.57 14.82 -0.47
N PRO A 22 -6.74 15.78 -0.85
CA PRO A 22 -5.54 15.50 -1.64
C PRO A 22 -4.99 14.10 -1.35
N LEU A 23 -4.62 13.37 -2.39
CA LEU A 23 -4.44 11.93 -2.28
C LEU A 23 -3.48 11.58 -1.15
N ILE A 24 -3.87 10.62 -0.32
CA ILE A 24 -2.96 10.01 0.64
C ILE A 24 -2.35 8.73 0.10
N ILE A 25 -1.03 8.64 0.15
CA ILE A 25 -0.32 7.46 -0.32
C ILE A 25 0.87 7.14 0.58
N GLY A 26 1.10 5.85 0.81
CA GLY A 26 2.06 5.41 1.81
C GLY A 26 1.92 6.19 3.12
N GLY A 27 0.68 6.43 3.53
CA GLY A 27 0.41 7.21 4.71
C GLY A 27 0.84 8.67 4.69
N VAL A 28 1.14 9.18 3.50
CA VAL A 28 1.61 10.56 3.37
C VAL A 28 0.61 11.39 2.58
N ARG A 29 0.39 12.62 3.01
CA ARG A 29 -0.59 13.48 2.42
C ARG A 29 0.12 14.30 1.38
N ILE A 30 -0.21 14.04 0.11
CA ILE A 30 0.50 14.62 -1.02
C ILE A 30 -0.38 15.63 -1.73
N PRO A 31 0.09 16.89 -1.85
CA PRO A 31 -0.76 17.91 -2.46
C PRO A 31 -1.02 17.54 -3.91
N TYR A 32 -2.27 17.65 -4.34
CA TYR A 32 -2.66 17.36 -5.70
C TYR A 32 -4.08 17.84 -5.93
N GLU A 33 -4.37 18.20 -7.16
N GLU A 33 -4.37 18.20 -7.17
CA GLU A 33 -5.67 18.79 -7.46
CA GLU A 33 -5.66 18.72 -7.57
C GLU A 33 -6.86 17.80 -7.50
C GLU A 33 -6.77 17.77 -7.26
N LYS A 34 -6.58 16.49 -7.56
CA LYS A 34 -7.58 15.45 -7.27
C LYS A 34 -7.08 14.40 -6.32
N GLY A 35 -8.01 13.77 -5.60
CA GLY A 35 -7.68 12.60 -4.76
C GLY A 35 -8.19 11.33 -5.42
N LEU A 36 -7.92 10.17 -4.81
CA LEU A 36 -8.37 8.85 -5.37
C LEU A 36 -9.75 8.45 -4.86
N LEU A 37 -10.51 7.72 -5.68
CA LEU A 37 -11.84 7.27 -5.31
C LEU A 37 -11.82 5.83 -4.83
N ALA A 38 -12.03 5.64 -3.53
CA ALA A 38 -12.03 4.30 -2.94
C ALA A 38 -12.97 4.23 -1.74
N HIS A 39 -13.38 3.02 -1.39
CA HIS A 39 -14.29 2.81 -0.26
C HIS A 39 -13.59 3.10 1.06
N SER A 40 -12.27 3.08 1.04
CA SER A 40 -11.48 3.35 2.24
C SER A 40 -10.59 4.58 2.07
N ASP A 41 -9.51 4.64 2.83
CA ASP A 41 -8.58 5.75 2.76
C ASP A 41 -8.11 5.98 1.32
N GLY A 42 -8.02 4.91 0.56
CA GLY A 42 -7.59 4.99 -0.83
C GLY A 42 -6.09 5.16 -0.97
N ASP A 43 -5.34 4.37 -0.18
CA ASP A 43 -3.89 4.44 -0.21
C ASP A 43 -3.32 3.20 -0.95
N VAL A 44 -3.13 3.31 -2.26
CA VAL A 44 -2.72 2.15 -3.06
C VAL A 44 -1.41 1.50 -2.60
N ALA A 45 -0.51 2.28 -2.01
CA ALA A 45 0.77 1.72 -1.59
C ALA A 45 0.59 0.78 -0.39
N LEU A 46 -0.23 1.20 0.57
CA LEU A 46 -0.50 0.37 1.72
C LEU A 46 -1.40 -0.81 1.34
N HIS A 47 -2.43 -0.56 0.53
N HIS A 47 -2.41 -0.57 0.49
CA HIS A 47 -3.26 -1.64 0.07
CA HIS A 47 -3.31 -1.65 0.02
C HIS A 47 -2.39 -2.74 -0.54
C HIS A 47 -2.59 -2.73 -0.79
N ALA A 48 -1.51 -2.36 -1.48
CA ALA A 48 -0.67 -3.35 -2.19
C ALA A 48 0.32 -4.02 -1.26
N ALA A 49 0.80 -3.26 -0.27
CA ALA A 49 1.74 -3.82 0.69
C ALA A 49 1.05 -4.85 1.59
N THR A 50 -0.16 -4.52 2.01
CA THR A 50 -0.96 -5.42 2.81
C THR A 50 -1.24 -6.72 2.08
N ASP A 51 -1.68 -6.60 0.83
CA ASP A 51 -1.98 -7.78 0.05
C ASP A 51 -0.78 -8.70 -0.10
N ALA A 52 0.40 -8.11 -0.37
CA ALA A 52 1.65 -8.86 -0.41
C ALA A 52 1.89 -9.64 0.88
N LEU A 53 1.87 -8.94 2.02
CA LEU A 53 1.99 -9.58 3.33
C LEU A 53 1.04 -10.73 3.58
N LEU A 54 -0.26 -10.47 3.42
CA LEU A 54 -1.25 -11.53 3.62
C LEU A 54 -1.07 -12.67 2.63
N GLY A 55 -0.67 -12.31 1.40
CA GLY A 55 -0.45 -13.31 0.37
C GLY A 55 0.69 -14.26 0.72
N ALA A 56 1.77 -13.68 1.26
CA ALA A 56 2.93 -14.47 1.66
C ALA A 56 2.54 -15.44 2.77
N ALA A 57 1.73 -14.95 3.72
CA ALA A 57 1.21 -15.75 4.82
C ALA A 57 0.07 -16.70 4.43
N ALA A 58 -0.19 -16.84 3.13
CA ALA A 58 -1.42 -17.47 2.62
C ALA A 58 -2.65 -17.16 3.51
N LEU A 59 -2.92 -15.86 3.71
CA LEU A 59 -4.10 -15.43 4.44
C LEU A 59 -5.16 -14.77 3.55
N GLY A 60 -5.04 -14.94 2.23
CA GLY A 60 -6.01 -14.37 1.31
C GLY A 60 -5.56 -13.00 0.86
N ASP A 61 -6.36 -11.99 1.22
CA ASP A 61 -6.07 -10.56 0.95
C ASP A 61 -6.85 -9.71 1.96
N ILE A 62 -6.84 -8.38 1.79
CA ILE A 62 -7.54 -7.48 2.73
C ILE A 62 -9.04 -7.73 2.79
N GLY A 63 -9.63 -8.00 1.62
CA GLY A 63 -11.01 -8.47 1.54
C GLY A 63 -11.31 -9.57 2.53
N LYS A 64 -10.46 -10.59 2.56
CA LYS A 64 -10.66 -11.75 3.45
C LYS A 64 -10.51 -11.44 4.94
N LEU A 65 -9.98 -10.26 5.26
CA LEU A 65 -9.82 -9.91 6.65
C LEU A 65 -10.79 -8.83 7.05
N PHE A 66 -11.01 -7.91 6.12
CA PHE A 66 -11.81 -6.71 6.37
C PHE A 66 -12.84 -6.53 5.24
N PRO A 67 -13.98 -7.29 5.34
CA PRO A 67 -15.03 -7.24 4.31
C PRO A 67 -15.23 -5.81 3.75
N ASP A 68 -15.09 -5.66 2.43
CA ASP A 68 -15.36 -4.39 1.75
C ASP A 68 -16.82 -3.93 1.93
N THR A 69 -17.74 -4.90 1.95
CA THR A 69 -19.16 -4.67 2.23
C THR A 69 -19.44 -4.00 3.60
N ASP A 70 -18.73 -4.44 4.65
CA ASP A 70 -18.83 -3.94 6.05
C ASP A 70 -18.65 -2.39 6.17
N PRO A 71 -19.70 -1.66 6.69
CA PRO A 71 -19.64 -0.18 6.87
C PRO A 71 -18.61 0.33 7.93
N ALA A 72 -18.09 -0.58 8.76
CA ALA A 72 -17.03 -0.30 9.77
C ALA A 72 -15.68 0.10 9.14
N PHE A 73 -15.53 -0.12 7.84
CA PHE A 73 -14.30 0.21 7.11
C PHE A 73 -14.49 1.29 6.04
N LYS A 74 -15.63 2.01 6.10
CA LYS A 74 -15.87 3.19 5.25
C LYS A 74 -14.88 4.32 5.60
N GLY A 75 -13.92 4.56 4.70
CA GLY A 75 -12.91 5.58 4.92
C GLY A 75 -11.79 5.20 5.88
N ALA A 76 -11.83 3.96 6.41
CA ALA A 76 -10.84 3.44 7.38
C ALA A 76 -9.38 3.69 6.96
N ASP A 77 -8.53 3.89 7.97
CA ASP A 77 -7.13 4.20 7.77
C ASP A 77 -6.40 2.96 7.27
N SER A 78 -5.78 3.09 6.11
CA SER A 78 -5.03 1.97 5.57
C SER A 78 -3.87 1.53 6.46
N ARG A 79 -3.40 2.44 7.32
CA ARG A 79 -2.30 2.13 8.22
C ARG A 79 -2.78 1.22 9.33
N GLY A 80 -4.02 1.44 9.74
CA GLY A 80 -4.66 0.57 10.68
C GLY A 80 -4.79 -0.82 10.12
N LEU A 81 -5.24 -0.93 8.86
CA LEU A 81 -5.43 -2.24 8.26
C LEU A 81 -4.11 -2.96 8.15
N LEU A 82 -3.09 -2.24 7.69
CA LEU A 82 -1.74 -2.79 7.63
C LEU A 82 -1.34 -3.34 8.98
N ARG A 83 -1.55 -2.53 10.02
CA ARG A 83 -1.13 -2.91 11.34
C ARG A 83 -1.82 -4.16 11.88
N GLU A 84 -3.12 -4.28 11.59
CA GLU A 84 -3.84 -5.47 12.01
C GLU A 84 -3.35 -6.67 11.24
N ALA A 85 -3.27 -6.54 9.93
CA ALA A 85 -2.73 -7.60 9.11
C ALA A 85 -1.38 -8.12 9.64
N TYR A 86 -0.50 -7.22 10.09
CA TYR A 86 0.82 -7.69 10.53
C TYR A 86 0.69 -8.45 11.86
N ARG A 87 -0.21 -7.97 12.73
N ARG A 87 -0.20 -7.94 12.71
CA ARG A 87 -0.50 -8.64 14.00
CA ARG A 87 -0.60 -8.56 13.96
C ARG A 87 -0.86 -10.10 13.73
C ARG A 87 -0.87 -10.05 13.73
N ARG A 88 -1.69 -10.33 12.72
CA ARG A 88 -2.07 -11.69 12.32
C ARG A 88 -0.89 -12.44 11.79
N ILE A 89 -0.04 -11.80 10.97
CA ILE A 89 1.12 -12.49 10.43
C ILE A 89 2.06 -12.94 11.55
N LEU A 90 2.31 -12.06 12.51
CA LEU A 90 3.14 -12.37 13.67
C LEU A 90 2.55 -13.54 14.42
N ALA A 91 1.24 -13.48 14.69
CA ALA A 91 0.48 -14.58 15.31
C ALA A 91 0.81 -15.93 14.71
N LYS A 92 0.94 -15.98 13.39
CA LYS A 92 1.31 -17.20 12.69
C LYS A 92 2.80 -17.53 12.65
N GLY A 93 3.64 -16.80 13.39
CA GLY A 93 5.07 -17.13 13.47
C GLY A 93 5.94 -16.58 12.36
N TYR A 94 5.43 -15.61 11.63
CA TYR A 94 6.25 -14.93 10.63
C TYR A 94 6.49 -13.49 11.00
N LYS A 95 7.48 -12.93 10.32
CA LYS A 95 8.08 -11.65 10.60
C LYS A 95 8.57 -11.12 9.25
N LEU A 96 8.53 -9.80 9.06
CA LEU A 96 8.97 -9.24 7.78
C LEU A 96 10.45 -9.54 7.54
N GLY A 97 10.77 -10.00 6.33
CA GLY A 97 12.15 -10.03 5.82
C GLY A 97 12.43 -8.67 5.18
N ASN A 98 11.85 -8.44 4.00
CA ASN A 98 11.85 -7.10 3.43
C ASN A 98 10.71 -6.87 2.48
N LEU A 99 10.54 -5.60 2.15
CA LEU A 99 9.43 -5.12 1.36
C LEU A 99 9.98 -4.21 0.29
N ASP A 100 9.50 -4.42 -0.94
CA ASP A 100 9.78 -3.52 -2.03
C ASP A 100 8.49 -3.12 -2.75
N ILE A 101 8.30 -1.81 -2.88
CA ILE A 101 7.09 -1.26 -3.49
C ILE A 101 7.44 -0.42 -4.72
N THR A 102 6.60 -0.51 -5.74
CA THR A 102 6.65 0.38 -6.87
C THR A 102 5.31 1.06 -7.11
N ILE A 103 5.31 2.39 -6.96
CA ILE A 103 4.18 3.23 -7.36
C ILE A 103 4.26 3.53 -8.84
N ILE A 104 3.14 3.43 -9.52
CA ILE A 104 3.05 3.75 -10.93
C ILE A 104 2.07 4.91 -11.11
N ALA A 105 2.60 6.06 -11.53
CA ALA A 105 1.82 7.31 -11.61
C ALA A 105 2.45 8.29 -12.58
N GLN A 106 1.65 9.00 -13.40
CA GLN A 106 2.21 10.13 -14.17
C GLN A 106 2.57 11.26 -13.24
N ALA A 107 1.61 11.73 -12.45
CA ALA A 107 1.81 12.82 -11.51
C ALA A 107 0.99 12.49 -10.26
N PRO A 108 1.26 13.16 -9.12
CA PRO A 108 2.35 14.11 -8.82
C PRO A 108 3.70 13.36 -8.62
N LYS A 109 4.79 14.07 -8.35
CA LYS A 109 6.08 13.39 -8.12
C LYS A 109 6.10 12.72 -6.76
N MSE A 110 6.38 11.42 -6.73
CA MSE A 110 6.43 10.71 -5.45
C MSE A 110 7.74 10.92 -4.70
O MSE A 110 7.80 10.87 -3.48
CB MSE A 110 6.19 9.23 -5.69
CG MSE A 110 4.90 9.00 -6.41
SE MSE A 110 3.32 9.45 -5.34
CE MSE A 110 2.07 10.05 -6.73
N ALA A 111 8.80 11.17 -5.47
CA ALA A 111 10.16 11.34 -4.93
C ALA A 111 10.27 11.97 -3.52
N PRO A 112 9.77 13.23 -3.33
CA PRO A 112 10.01 13.92 -2.07
C PRO A 112 9.36 13.27 -0.85
N HIS A 113 8.41 12.36 -1.07
CA HIS A 113 7.59 11.82 0.01
C HIS A 113 8.01 10.43 0.41
N ILE A 114 8.96 9.88 -0.31
CA ILE A 114 9.31 8.49 -0.10
C ILE A 114 9.98 8.28 1.27
N PRO A 115 10.87 9.20 1.69
CA PRO A 115 11.49 9.02 2.99
C PRO A 115 10.44 8.88 4.07
N GLN A 116 9.44 9.74 4.05
CA GLN A 116 8.41 9.68 5.08
C GLN A 116 7.54 8.43 5.00
N MSE A 117 7.26 7.99 3.77
CA MSE A 117 6.55 6.75 3.56
C MSE A 117 7.31 5.61 4.22
O MSE A 117 6.73 4.81 4.97
CB MSE A 117 6.40 6.46 2.08
CG MSE A 117 5.34 7.30 1.43
SE MSE A 117 5.23 6.96 -0.48
CE MSE A 117 4.97 5.07 -0.49
N ARG A 118 8.63 5.55 3.97
CA ARG A 118 9.46 4.51 4.58
C ARG A 118 9.41 4.57 6.09
N VAL A 119 9.51 5.76 6.66
CA VAL A 119 9.28 5.91 8.10
C VAL A 119 7.96 5.29 8.56
N ASN A 120 6.87 5.56 7.86
CA ASN A 120 5.57 5.02 8.27
C ASN A 120 5.53 3.50 8.26
N LEU A 121 6.07 2.90 7.21
CA LEU A 121 6.00 1.47 7.12
C LEU A 121 6.94 0.83 8.12
N ALA A 122 8.15 1.39 8.27
CA ALA A 122 9.11 0.76 9.17
C ALA A 122 8.51 0.78 10.58
N GLU A 123 7.76 1.83 10.87
CA GLU A 123 7.04 1.95 12.10
C GLU A 123 5.98 0.88 12.21
N ASP A 124 5.19 0.75 11.15
CA ASP A 124 4.05 -0.15 11.17
C ASP A 124 4.39 -1.61 11.15
N LEU A 125 5.47 -1.98 10.47
CA LEU A 125 5.85 -3.37 10.40
C LEU A 125 6.93 -3.61 11.41
N GLN A 126 7.06 -2.65 12.32
CA GLN A 126 7.96 -2.76 13.43
C GLN A 126 9.33 -3.23 13.03
N CYS A 127 10.06 -2.48 12.24
CA CYS A 127 11.34 -2.97 11.78
C CYS A 127 12.23 -1.81 11.41
N HIS A 128 13.48 -2.10 11.08
CA HIS A 128 14.39 -1.06 10.68
C HIS A 128 14.04 -0.66 9.28
N MSE A 129 14.26 0.60 9.01
CA MSE A 129 13.91 1.19 7.76
C MSE A 129 14.71 0.64 6.59
O MSE A 129 14.42 0.94 5.45
CB MSE A 129 14.11 2.66 7.88
CG MSE A 129 13.08 3.44 7.19
SE MSE A 129 13.77 5.19 7.33
CE MSE A 129 13.43 5.42 9.27
N ASP A 130 15.70 -0.19 6.87
CA ASP A 130 16.45 -0.82 5.81
C ASP A 130 15.75 -1.97 5.18
N ASP A 131 14.65 -2.39 5.76
CA ASP A 131 13.93 -3.49 5.20
C ASP A 131 12.79 -3.01 4.36
N ILE A 132 12.75 -1.70 4.15
CA ILE A 132 11.68 -1.09 3.37
C ILE A 132 12.23 -0.25 2.22
N ASN A 133 11.80 -0.60 1.01
CA ASN A 133 12.16 0.14 -0.17
C ASN A 133 10.94 0.61 -0.98
N VAL A 134 10.93 1.88 -1.37
CA VAL A 134 9.83 2.42 -2.21
C VAL A 134 10.35 3.10 -3.48
N LYS A 135 9.71 2.86 -4.61
CA LYS A 135 10.07 3.43 -5.94
C LYS A 135 8.83 4.02 -6.59
N ALA A 136 9.01 5.01 -7.48
CA ALA A 136 7.91 5.36 -8.42
C ALA A 136 8.42 5.27 -9.85
N THR A 137 7.53 5.11 -10.83
CA THR A 137 7.86 5.28 -12.25
C THR A 137 6.59 5.75 -12.88
N THR A 138 6.72 6.31 -14.07
CA THR A 138 5.55 6.60 -14.87
C THR A 138 5.50 5.56 -15.98
N THR A 139 4.40 5.56 -16.72
CA THR A 139 4.28 4.70 -17.88
C THR A 139 4.39 5.55 -19.12
N GLU A 140 5.16 6.63 -19.00
CA GLU A 140 5.50 7.52 -20.13
C GLU A 140 4.27 8.04 -20.86
N GLN A 141 3.21 8.29 -20.09
CA GLN A 141 1.95 8.75 -20.60
C GLN A 141 1.12 7.74 -21.34
N LEU A 142 1.46 6.46 -21.23
CA LEU A 142 0.71 5.43 -21.90
C LEU A 142 -0.22 4.75 -20.90
N GLY A 143 -1.32 4.20 -21.41
CA GLY A 143 -2.27 3.49 -20.56
C GLY A 143 -3.02 4.44 -19.65
N PHE A 144 -3.81 3.90 -18.73
CA PHE A 144 -4.71 4.74 -17.96
C PHE A 144 -3.94 5.53 -16.91
N THR A 145 -2.81 5.01 -16.45
CA THR A 145 -1.96 5.75 -15.51
C THR A 145 -1.35 6.95 -16.25
N GLY A 146 -0.97 6.71 -17.52
CA GLY A 146 -0.36 7.71 -18.36
C GLY A 146 -1.38 8.72 -18.80
N ARG A 147 -2.58 8.23 -19.20
CA ARG A 147 -3.71 9.09 -19.62
C ARG A 147 -4.08 9.94 -18.37
N GLY A 148 -3.48 9.62 -17.22
CA GLY A 148 -3.73 10.34 -15.97
C GLY A 148 -4.99 9.98 -15.17
N GLU A 149 -5.55 8.78 -15.39
CA GLU A 149 -6.88 8.43 -14.87
C GLU A 149 -6.91 7.82 -13.45
N GLY A 150 -5.78 7.31 -12.98
CA GLY A 150 -5.70 6.69 -11.66
C GLY A 150 -4.25 6.36 -11.40
N ILE A 151 -3.92 5.83 -10.22
CA ILE A 151 -2.58 5.27 -10.01
C ILE A 151 -2.60 3.85 -9.54
N ALA A 152 -1.48 3.18 -9.79
CA ALA A 152 -1.36 1.78 -9.56
C ALA A 152 -0.11 1.51 -8.77
N CYS A 153 -0.13 0.40 -8.08
CA CYS A 153 0.95 0.08 -7.21
C CYS A 153 1.16 -1.42 -7.12
N GLU A 154 2.42 -1.82 -7.21
CA GLU A 154 2.82 -3.19 -7.11
C GLU A 154 3.78 -3.38 -5.93
N ALA A 155 3.60 -4.44 -5.17
CA ALA A 155 4.46 -4.72 -4.01
C ALA A 155 4.89 -6.18 -3.96
N VAL A 156 6.03 -6.38 -3.31
CA VAL A 156 6.68 -7.66 -3.29
C VAL A 156 7.30 -7.77 -1.92
N VAL A 157 7.12 -8.92 -1.29
CA VAL A 157 7.48 -9.09 0.12
C VAL A 157 8.11 -10.43 0.41
N LEU A 158 8.94 -10.46 1.44
CA LEU A 158 9.59 -11.68 1.90
C LEU A 158 9.34 -11.79 3.38
N LEU A 159 8.80 -12.92 3.80
CA LEU A 159 8.54 -13.16 5.19
C LEU A 159 9.52 -14.20 5.67
N VAL A 160 9.94 -14.04 6.91
CA VAL A 160 10.90 -14.95 7.50
C VAL A 160 10.22 -15.69 8.65
N ASN A 161 10.58 -16.93 8.88
CA ASN A 161 10.00 -17.70 10.00
C ASN A 161 10.64 -17.32 11.34
N VAL A 162 9.96 -17.40 12.49
CA VAL A 162 10.63 -16.93 13.74
C VAL A 162 11.29 -17.97 14.68
#